data_3FPH
#
_entry.id   3FPH
#
_cell.length_a   66.198
_cell.length_b   69.785
_cell.length_c   146.506
_cell.angle_alpha   90.00
_cell.angle_beta   90.00
_cell.angle_gamma   90.00
#
_symmetry.space_group_name_H-M   'P 21 21 21'
#
loop_
_entity.id
_entity.type
_entity.pdbx_description
1 polymer 'Putative uncharacterized protein'
2 non-polymer 'GLUTAMIC ACID'
3 non-polymer 'SODIUM ION'
4 water water
#
_entity_poly.entity_id   1
_entity_poly.type   'polypeptide(L)'
_entity_poly.pdbx_seq_one_letter_code
;MSCYIYWDKIKRIASRLEGMNYHFDEMDTSGVMPLLDEIEEIAHDSTIDFESAKHILDDAEMNHALSLIRKFYVNLGMKL
QMEKAQEVIESDSPWETLRSFYFYPRYLELLKNEAALGRFRRGERAVFIGGGPLPLTGILLSHVYGMRVNVVEIEPDIAE
LSRKVIEGLGVDGVNVITGDETVIDGLEFDVLMVAALAEPKRRVFRNIHRYVDTETRIIYRTYTGMRAILYAPVSDDDIT
GFRRAGVVLPSGKVNNTSVLVFKCPDKGELNSKLEGKPIPNPLLGLDSTRTGHHHHHH
;
_entity_poly.pdbx_strand_id   A,B
#
# COMPACT_ATOMS: atom_id res chain seq x y z
N SER A 2 2.77 11.54 -16.97
CA SER A 2 3.91 11.46 -15.98
C SER A 2 5.24 11.10 -16.64
N CYS A 3 6.28 10.92 -15.84
CA CYS A 3 7.63 10.94 -16.36
C CYS A 3 8.58 10.15 -15.48
N TYR A 4 8.14 8.98 -15.03
CA TYR A 4 9.00 8.14 -14.16
C TYR A 4 10.18 7.60 -14.92
N ILE A 5 11.36 7.61 -14.30
CA ILE A 5 12.56 7.04 -14.94
C ILE A 5 12.36 5.56 -15.20
N TYR A 6 11.64 4.89 -14.29
CA TYR A 6 11.39 3.45 -14.37
C TYR A 6 10.63 3.08 -15.64
N TRP A 7 9.84 4.02 -16.17
CA TRP A 7 9.07 3.76 -17.39
C TRP A 7 10.00 3.36 -18.55
N ASP A 8 11.01 4.18 -18.83
CA ASP A 8 11.96 3.91 -19.91
C ASP A 8 12.77 2.64 -19.65
N LYS A 9 13.15 2.42 -18.39
CA LYS A 9 13.90 1.23 -17.96
C LYS A 9 13.13 -0.05 -18.31
N ILE A 10 11.82 -0.05 -18.01
CA ILE A 10 10.93 -1.15 -18.36
C ILE A 10 10.80 -1.36 -19.89
N LYS A 11 10.63 -0.28 -20.65
CA LYS A 11 10.51 -0.37 -22.11
C LYS A 11 11.78 -0.94 -22.75
N ARG A 12 12.93 -0.56 -22.20
CA ARG A 12 14.22 -1.06 -22.64
C ARG A 12 14.32 -2.56 -22.43
N ILE A 13 13.96 -3.02 -21.24
CA ILE A 13 13.99 -4.47 -20.94
C ILE A 13 13.04 -5.19 -21.88
N ALA A 14 11.87 -4.62 -22.09
CA ALA A 14 10.85 -5.21 -22.95
C ALA A 14 11.38 -5.36 -24.39
N SER A 15 12.16 -4.38 -24.85
CA SER A 15 12.76 -4.42 -26.20
C SER A 15 13.91 -5.44 -26.30
N ARG A 16 14.76 -5.54 -25.26
CA ARG A 16 15.74 -6.64 -25.18
C ARG A 16 15.08 -8.03 -25.24
N LEU A 17 13.94 -8.18 -24.56
CA LEU A 17 13.14 -9.41 -24.60
C LEU A 17 12.57 -9.64 -25.97
N GLU A 18 11.99 -8.59 -26.57
CA GLU A 18 11.54 -8.65 -27.95
C GLU A 18 12.67 -9.00 -28.93
N GLY A 19 13.86 -8.49 -28.65
CA GLY A 19 15.08 -8.74 -29.44
C GLY A 19 15.56 -10.18 -29.52
N MET A 20 15.34 -10.95 -28.45
CA MET A 20 15.75 -12.35 -28.45
C MET A 20 15.10 -13.11 -29.60
N ASN A 21 15.88 -13.98 -30.22
CA ASN A 21 15.29 -14.94 -31.13
C ASN A 21 14.70 -16.17 -30.43
N TYR A 22 15.17 -16.45 -29.21
CA TYR A 22 14.68 -17.59 -28.44
C TYR A 22 13.16 -17.52 -28.23
N HIS A 23 12.52 -18.67 -28.26
CA HIS A 23 11.23 -18.82 -27.62
C HIS A 23 11.49 -18.98 -26.13
N PHE A 24 10.64 -18.40 -25.29
CA PHE A 24 10.95 -18.37 -23.85
C PHE A 24 11.00 -19.76 -23.19
N ASP A 25 10.31 -20.73 -23.76
CA ASP A 25 10.35 -22.12 -23.21
C ASP A 25 11.61 -22.91 -23.64
N GLU A 26 12.39 -22.32 -24.54
CA GLU A 26 13.62 -22.91 -25.09
C GLU A 26 14.91 -22.16 -24.75
N MET A 27 14.78 -20.99 -24.10
CA MET A 27 15.97 -20.18 -23.84
C MET A 27 16.92 -20.87 -22.86
N ASP A 28 18.20 -20.60 -23.03
CA ASP A 28 19.23 -21.06 -22.11
C ASP A 28 19.13 -20.27 -20.81
N THR A 29 19.01 -20.98 -19.69
CA THR A 29 18.73 -20.37 -18.41
C THR A 29 19.89 -19.45 -17.88
N SER A 30 21.13 -19.94 -18.00
CA SER A 30 22.27 -19.14 -17.58
C SER A 30 22.42 -17.83 -18.36
N GLY A 31 22.22 -17.89 -19.68
CA GLY A 31 22.36 -16.69 -20.55
C GLY A 31 21.36 -15.58 -20.30
N VAL A 32 20.20 -15.91 -19.72
CA VAL A 32 19.15 -14.87 -19.50
C VAL A 32 19.10 -14.38 -18.02
N MET A 33 19.95 -14.93 -17.17
CA MET A 33 20.04 -14.43 -15.77
C MET A 33 20.27 -12.91 -15.65
N PRO A 34 21.13 -12.31 -16.50
CA PRO A 34 21.21 -10.83 -16.48
C PRO A 34 19.92 -10.08 -16.74
N LEU A 35 19.10 -10.55 -17.68
CA LEU A 35 17.80 -9.93 -17.86
C LEU A 35 16.93 -10.04 -16.60
N LEU A 36 16.95 -11.22 -15.98
CA LEU A 36 16.22 -11.40 -14.70
C LEU A 36 16.68 -10.38 -13.66
N ASP A 37 17.99 -10.23 -13.54
CA ASP A 37 18.56 -9.21 -12.65
C ASP A 37 18.04 -7.80 -12.92
N GLU A 38 17.95 -7.39 -14.19
CA GLU A 38 17.42 -6.07 -14.58
C GLU A 38 15.96 -5.87 -14.19
N ILE A 39 15.16 -6.92 -14.37
CA ILE A 39 13.73 -6.89 -14.04
C ILE A 39 13.61 -6.82 -12.52
N GLU A 40 14.43 -7.60 -11.86
CA GLU A 40 14.35 -7.66 -10.37
C GLU A 40 14.78 -6.34 -9.73
N GLU A 41 15.76 -5.67 -10.33
CA GLU A 41 16.14 -4.34 -9.84
C GLU A 41 14.98 -3.35 -9.83
N ILE A 42 14.15 -3.37 -10.86
CA ILE A 42 12.98 -2.52 -10.91
C ILE A 42 11.92 -3.03 -9.90
N ALA A 43 11.61 -4.33 -9.95
CA ALA A 43 10.57 -4.88 -9.05
C ALA A 43 10.88 -4.57 -7.58
N HIS A 44 12.16 -4.66 -7.23
CA HIS A 44 12.61 -4.60 -5.83
C HIS A 44 12.97 -3.17 -5.36
N ASP A 45 12.78 -2.19 -6.24
CA ASP A 45 13.18 -0.81 -5.93
C ASP A 45 12.26 -0.26 -4.83
N SER A 46 12.82 -0.07 -3.63
CA SER A 46 12.02 0.39 -2.48
C SER A 46 11.53 1.85 -2.59
N THR A 47 12.07 2.57 -3.56
CA THR A 47 11.66 3.99 -3.72
C THR A 47 10.36 4.09 -4.51
N ILE A 48 9.87 2.98 -5.05
CA ILE A 48 8.68 3.12 -5.82
C ILE A 48 7.43 2.77 -5.01
N ASP A 49 6.60 3.79 -4.83
CA ASP A 49 5.43 3.65 -4.02
C ASP A 49 4.35 2.86 -4.79
N PHE A 50 3.44 2.27 -4.04
CA PHE A 50 2.40 1.39 -4.62
C PHE A 50 1.47 2.13 -5.59
N GLU A 51 1.22 3.40 -5.30
CA GLU A 51 0.38 4.18 -6.21
C GLU A 51 1.07 4.41 -7.55
N SER A 52 2.34 4.83 -7.53
CA SER A 52 3.16 4.98 -8.77
C SER A 52 3.30 3.68 -9.57
N ALA A 53 3.48 2.57 -8.85
CA ALA A 53 3.64 1.25 -9.50
C ALA A 53 2.39 0.95 -10.31
N LYS A 54 1.25 1.14 -9.66
CA LYS A 54 -0.04 0.90 -10.27
C LYS A 54 -0.18 1.81 -11.50
N HIS A 55 0.30 3.05 -11.40
CA HIS A 55 0.23 4.06 -12.49
C HIS A 55 0.92 3.52 -13.75
N ILE A 56 2.15 3.05 -13.56
CA ILE A 56 2.98 2.48 -14.62
C ILE A 56 2.36 1.17 -15.16
N LEU A 57 2.02 0.24 -14.26
CA LEU A 57 1.52 -1.10 -14.65
C LEU A 57 0.12 -1.17 -15.28
N ASP A 58 -0.79 -0.29 -14.84
CA ASP A 58 -2.15 -0.22 -15.42
C ASP A 58 -2.24 0.53 -16.75
N ASP A 59 -1.18 1.27 -17.07
CA ASP A 59 -1.15 2.11 -18.25
C ASP A 59 -1.36 1.31 -19.53
N ALA A 60 -2.21 1.83 -20.42
CA ALA A 60 -2.48 1.20 -21.73
C ALA A 60 -1.21 0.89 -22.53
N GLU A 61 -0.29 1.84 -22.56
CA GLU A 61 0.96 1.75 -23.29
C GLU A 61 1.90 0.67 -22.74
N MET A 62 1.56 0.12 -21.57
CA MET A 62 2.39 -0.89 -20.89
C MET A 62 1.87 -2.32 -21.04
N ASN A 63 0.64 -2.47 -21.54
CA ASN A 63 0.01 -3.78 -21.77
C ASN A 63 0.99 -4.87 -22.29
N HIS A 64 1.70 -4.54 -23.37
CA HIS A 64 2.58 -5.54 -24.02
C HIS A 64 3.92 -5.75 -23.34
N ALA A 65 4.55 -4.68 -22.85
CA ALA A 65 5.77 -4.82 -22.07
C ALA A 65 5.48 -5.65 -20.82
N LEU A 66 4.35 -5.39 -20.18
CA LEU A 66 3.96 -6.16 -18.99
C LEU A 66 3.76 -7.65 -19.28
N SER A 67 3.05 -7.97 -20.36
CA SER A 67 2.75 -9.37 -20.61
C SER A 67 4.05 -10.08 -20.96
N LEU A 68 4.93 -9.41 -21.70
CA LEU A 68 6.23 -9.98 -22.13
C LEU A 68 7.15 -10.28 -20.97
N ILE A 69 7.27 -9.32 -20.04
CA ILE A 69 8.08 -9.51 -18.86
C ILE A 69 7.50 -10.63 -17.99
N ARG A 70 6.17 -10.65 -17.77
CA ARG A 70 5.53 -11.76 -17.07
C ARG A 70 5.79 -13.13 -17.73
N LYS A 71 5.67 -13.20 -19.06
CA LYS A 71 5.85 -14.47 -19.77
C LYS A 71 7.32 -14.95 -19.61
N PHE A 72 8.24 -14.02 -19.67
CA PHE A 72 9.65 -14.37 -19.49
C PHE A 72 9.92 -14.89 -18.09
N TYR A 73 9.43 -14.15 -17.11
CA TYR A 73 9.69 -14.47 -15.73
C TYR A 73 9.14 -15.85 -15.35
N VAL A 74 7.92 -16.15 -15.79
CA VAL A 74 7.29 -17.43 -15.48
C VAL A 74 8.01 -18.61 -16.15
N ASN A 75 8.41 -18.42 -17.40
CA ASN A 75 9.10 -19.45 -18.11
C ASN A 75 10.47 -19.72 -17.50
N LEU A 76 11.18 -18.65 -17.15
CA LEU A 76 12.50 -18.81 -16.52
C LEU A 76 12.36 -19.52 -15.20
N GLY A 77 11.38 -19.09 -14.39
CA GLY A 77 11.21 -19.63 -13.05
C GLY A 77 10.96 -21.16 -13.11
N MET A 78 10.10 -21.58 -14.03
CA MET A 78 9.79 -23.00 -14.18
C MET A 78 11.01 -23.78 -14.66
N LYS A 79 11.76 -23.21 -15.60
CA LYS A 79 12.97 -23.85 -16.11
C LYS A 79 14.02 -24.03 -15.02
N LEU A 80 14.20 -22.99 -14.19
CA LEU A 80 15.16 -23.09 -13.06
C LEU A 80 14.73 -24.20 -12.11
N GLN A 81 13.42 -24.29 -11.85
CA GLN A 81 12.87 -25.33 -10.97
C GLN A 81 13.14 -26.72 -11.51
N MET A 82 12.86 -26.90 -12.80
CA MET A 82 13.02 -28.19 -13.45
C MET A 82 14.47 -28.64 -13.41
N GLU A 83 15.36 -27.72 -13.75
CA GLU A 83 16.80 -27.99 -13.79
C GLU A 83 17.32 -28.34 -12.40
N LYS A 84 16.87 -27.59 -11.39
CA LYS A 84 17.33 -27.80 -10.05
C LYS A 84 16.83 -29.17 -9.50
N ALA A 85 15.57 -29.50 -9.77
CA ALA A 85 15.02 -30.79 -9.32
C ALA A 85 15.86 -31.95 -9.85
N GLN A 86 16.18 -31.92 -11.14
CA GLN A 86 16.97 -32.99 -11.73
C GLN A 86 18.40 -32.97 -11.20
N GLU A 87 18.97 -31.79 -11.00
CA GLU A 87 20.31 -31.68 -10.45
C GLU A 87 20.37 -32.29 -9.03
N VAL A 88 19.38 -31.98 -8.19
CA VAL A 88 19.35 -32.50 -6.82
C VAL A 88 19.27 -34.06 -6.85
N ILE A 89 18.41 -34.58 -7.71
CA ILE A 89 18.24 -36.04 -7.94
C ILE A 89 19.58 -36.74 -8.28
N GLU A 90 20.40 -36.07 -9.10
CA GLU A 90 21.67 -36.67 -9.56
C GLU A 90 22.85 -36.40 -8.64
N SER A 91 22.64 -35.62 -7.59
CA SER A 91 23.76 -35.11 -6.80
C SER A 91 24.19 -36.08 -5.70
N ASP A 92 25.48 -36.11 -5.40
CA ASP A 92 25.99 -36.88 -4.27
C ASP A 92 25.95 -36.01 -3.02
N SER A 93 25.70 -34.71 -3.26
CA SER A 93 25.50 -33.77 -2.19
C SER A 93 24.16 -33.02 -2.44
N PRO A 94 23.00 -33.70 -2.31
CA PRO A 94 21.69 -33.11 -2.61
C PRO A 94 21.37 -31.79 -1.88
N TRP A 95 21.64 -31.72 -0.57
CA TRP A 95 21.34 -30.49 0.20
C TRP A 95 22.17 -29.29 -0.24
N GLU A 96 23.49 -29.50 -0.41
CA GLU A 96 24.35 -28.51 -1.08
C GLU A 96 23.78 -28.03 -2.43
N THR A 97 23.35 -28.95 -3.27
CA THR A 97 22.79 -28.63 -4.57
C THR A 97 21.51 -27.79 -4.39
N LEU A 98 20.63 -28.23 -3.49
CA LEU A 98 19.38 -27.50 -3.22
C LEU A 98 19.66 -26.05 -2.78
N ARG A 99 20.61 -25.91 -1.87
CA ARG A 99 20.99 -24.58 -1.32
C ARG A 99 21.57 -23.61 -2.34
N SER A 100 22.07 -24.13 -3.46
CA SER A 100 22.57 -23.30 -4.57
C SER A 100 21.45 -22.74 -5.51
N PHE A 101 20.22 -23.15 -5.26
CA PHE A 101 19.08 -22.71 -6.07
C PHE A 101 19.01 -21.20 -5.95
N TYR A 102 18.87 -20.53 -7.08
CA TYR A 102 18.86 -19.07 -7.17
C TYR A 102 17.99 -18.39 -6.08
N PHE A 103 16.77 -18.89 -5.85
CA PHE A 103 15.81 -18.30 -4.90
C PHE A 103 15.86 -18.88 -3.48
N TYR A 104 16.76 -19.83 -3.24
CA TYR A 104 16.83 -20.47 -1.93
C TYR A 104 16.89 -19.50 -0.70
N PRO A 105 17.85 -18.56 -0.69
CA PRO A 105 17.93 -17.66 0.49
C PRO A 105 16.68 -16.76 0.64
N ARG A 106 16.06 -16.40 -0.48
CA ARG A 106 14.82 -15.63 -0.43
C ARG A 106 13.71 -16.44 0.21
N TYR A 107 13.65 -17.72 -0.12
CA TYR A 107 12.65 -18.62 0.51
C TYR A 107 12.83 -18.77 2.02
N LEU A 108 14.09 -18.84 2.49
CA LEU A 108 14.38 -18.85 3.94
C LEU A 108 13.75 -17.62 4.59
N GLU A 109 13.95 -16.44 3.99
CA GLU A 109 13.37 -15.23 4.54
C GLU A 109 11.84 -15.26 4.45
N LEU A 110 11.33 -15.62 3.29
CA LEU A 110 9.86 -15.62 3.05
C LEU A 110 9.14 -16.54 4.06
N LEU A 111 9.68 -17.75 4.19
CA LEU A 111 9.08 -18.72 5.12
C LEU A 111 9.18 -18.30 6.58
N LYS A 112 10.28 -17.68 6.96
CA LYS A 112 10.39 -17.14 8.31
C LYS A 112 9.26 -16.16 8.61
N ASN A 113 9.01 -15.22 7.70
CA ASN A 113 7.89 -14.29 7.86
C ASN A 113 6.51 -14.95 7.85
N GLU A 114 6.31 -15.92 6.97
CA GLU A 114 5.06 -16.68 6.89
C GLU A 114 4.81 -17.54 8.15
N ALA A 115 5.87 -18.10 8.69
CA ALA A 115 5.82 -18.86 9.95
C ALA A 115 5.29 -17.98 11.10
N ALA A 116 5.71 -16.72 11.14
CA ALA A 116 5.15 -15.75 12.12
C ALA A 116 3.69 -15.41 11.78
N LEU A 117 3.42 -15.14 10.52
CA LEU A 117 2.07 -14.78 10.06
C LEU A 117 1.07 -15.89 10.40
N GLY A 118 1.47 -17.12 10.12
CA GLY A 118 0.58 -18.28 10.26
C GLY A 118 0.68 -18.98 11.60
N ARG A 119 1.55 -18.47 12.47
CA ARG A 119 1.74 -19.05 13.80
C ARG A 119 2.13 -20.54 13.71
N PHE A 120 3.06 -20.89 12.81
CA PHE A 120 3.43 -22.31 12.64
C PHE A 120 4.01 -22.91 13.92
N ARG A 121 3.65 -24.16 14.20
CA ARG A 121 4.20 -24.87 15.35
C ARG A 121 4.61 -26.27 14.93
N ARG A 122 5.67 -26.78 15.56
CA ARG A 122 6.19 -28.11 15.21
C ARG A 122 5.09 -29.14 15.40
N GLY A 123 4.97 -30.04 14.42
CA GLY A 123 4.03 -31.15 14.49
C GLY A 123 2.67 -30.81 13.91
N GLU A 124 2.43 -29.52 13.60
CA GLU A 124 1.18 -29.13 12.95
C GLU A 124 1.14 -29.69 11.52
N ARG A 125 -0.06 -29.86 10.98
CA ARG A 125 -0.27 -30.38 9.63
C ARG A 125 -0.47 -29.28 8.59
N ALA A 126 0.34 -29.32 7.54
CA ALA A 126 0.20 -28.36 6.47
C ALA A 126 -0.08 -28.99 5.13
N VAL A 127 -0.92 -28.34 4.33
CA VAL A 127 -1.11 -28.72 2.95
C VAL A 127 -0.63 -27.58 2.04
N PHE A 128 0.19 -27.92 1.05
CA PHE A 128 0.66 -26.90 0.11
C PHE A 128 0.12 -27.19 -1.27
N ILE A 129 -0.73 -26.28 -1.76
CA ILE A 129 -1.33 -26.41 -3.08
C ILE A 129 -0.45 -25.89 -4.20
N GLY A 130 0.09 -26.82 -5.01
CA GLY A 130 0.81 -26.44 -6.25
C GLY A 130 2.32 -26.60 -6.10
N GLY A 131 2.79 -27.81 -5.77
CA GLY A 131 4.21 -28.07 -5.50
C GLY A 131 5.20 -27.77 -6.63
N GLY A 132 4.83 -28.07 -7.87
CA GLY A 132 5.79 -28.09 -9.00
C GLY A 132 6.94 -29.10 -8.84
N PRO A 133 7.94 -29.03 -9.73
CA PRO A 133 9.00 -30.04 -9.68
C PRO A 133 9.90 -29.98 -8.45
N LEU A 134 10.09 -28.79 -7.86
CA LEU A 134 10.95 -28.58 -6.74
C LEU A 134 10.05 -28.04 -5.64
N PRO A 135 9.54 -28.93 -4.77
CA PRO A 135 8.58 -28.51 -3.76
C PRO A 135 9.27 -27.86 -2.56
N LEU A 136 9.93 -26.74 -2.81
CA LEU A 136 10.86 -26.23 -1.84
C LEU A 136 10.11 -25.81 -0.57
N THR A 137 8.96 -25.17 -0.71
CA THR A 137 8.25 -24.73 0.51
C THR A 137 7.81 -25.94 1.36
N GLY A 138 7.22 -26.94 0.70
CA GLY A 138 6.89 -28.18 1.41
C GLY A 138 8.07 -28.79 2.11
N ILE A 139 9.22 -28.90 1.41
CA ILE A 139 10.48 -29.34 2.05
C ILE A 139 10.86 -28.53 3.31
N LEU A 140 10.90 -27.20 3.22
CA LEU A 140 11.24 -26.35 4.35
C LEU A 140 10.25 -26.48 5.52
N LEU A 141 8.98 -26.57 5.18
CA LEU A 141 7.95 -26.71 6.21
C LEU A 141 8.23 -27.93 7.13
N SER A 142 8.70 -29.02 6.54
CA SER A 142 9.11 -30.17 7.32
C SER A 142 10.50 -30.05 7.96
N HIS A 143 11.53 -29.82 7.12
CA HIS A 143 12.94 -29.86 7.53
C HIS A 143 13.28 -28.76 8.54
N VAL A 144 12.72 -27.56 8.34
CA VAL A 144 12.99 -26.40 9.26
C VAL A 144 11.90 -26.29 10.32
N TYR A 145 10.63 -26.32 9.91
CA TYR A 145 9.53 -26.02 10.86
C TYR A 145 8.86 -27.23 11.55
N GLY A 146 9.38 -28.42 11.25
CA GLY A 146 8.85 -29.67 11.80
C GLY A 146 7.37 -29.91 11.59
N MET A 147 6.81 -29.43 10.47
CA MET A 147 5.39 -29.69 10.20
C MET A 147 5.28 -30.99 9.40
N ARG A 148 4.10 -31.59 9.45
CA ARG A 148 3.75 -32.74 8.64
C ARG A 148 3.05 -32.29 7.38
N VAL A 149 3.69 -32.55 6.24
CA VAL A 149 3.29 -31.86 5.04
C VAL A 149 2.69 -32.78 3.96
N ASN A 150 1.59 -32.35 3.39
CA ASN A 150 1.15 -32.84 2.09
C ASN A 150 1.25 -31.81 0.97
N VAL A 151 1.95 -32.14 -0.10
CA VAL A 151 2.09 -31.24 -1.26
C VAL A 151 1.19 -31.77 -2.35
N VAL A 152 0.41 -30.88 -2.98
CA VAL A 152 -0.49 -31.28 -4.07
C VAL A 152 0.06 -30.75 -5.40
N GLU A 153 0.23 -31.65 -6.38
CA GLU A 153 0.70 -31.31 -7.71
C GLU A 153 -0.18 -32.00 -8.79
N ILE A 154 -0.66 -31.19 -9.75
CA ILE A 154 -1.60 -31.63 -10.79
C ILE A 154 -1.00 -32.56 -11.87
N GLU A 155 0.20 -32.27 -12.35
CA GLU A 155 0.81 -33.11 -13.39
C GLU A 155 1.49 -34.34 -12.79
N PRO A 156 1.06 -35.55 -13.23
CA PRO A 156 1.62 -36.80 -12.72
C PRO A 156 3.14 -36.91 -12.84
N ASP A 157 3.74 -36.52 -13.97
CA ASP A 157 5.20 -36.65 -14.07
C ASP A 157 5.95 -35.61 -13.21
N ILE A 158 5.37 -34.42 -13.07
CA ILE A 158 5.94 -33.39 -12.20
C ILE A 158 5.81 -33.84 -10.73
N ALA A 159 4.63 -34.34 -10.36
CA ALA A 159 4.48 -34.90 -9.02
C ALA A 159 5.53 -35.98 -8.77
N GLU A 160 5.77 -36.87 -9.74
CA GLU A 160 6.69 -37.99 -9.48
C GLU A 160 8.14 -37.46 -9.36
N LEU A 161 8.47 -36.44 -10.16
CA LEU A 161 9.77 -35.83 -10.06
C LEU A 161 9.95 -35.28 -8.63
N SER A 162 8.97 -34.53 -8.15
CA SER A 162 9.08 -33.92 -6.81
C SER A 162 9.25 -34.99 -5.66
N ARG A 163 8.63 -36.16 -5.84
CA ARG A 163 8.84 -37.27 -4.91
C ARG A 163 10.28 -37.73 -4.93
N LYS A 164 10.92 -37.71 -6.11
CA LYS A 164 12.30 -38.16 -6.22
C LYS A 164 13.24 -37.16 -5.56
N VAL A 165 12.94 -35.86 -5.72
CA VAL A 165 13.71 -34.81 -5.06
C VAL A 165 13.67 -35.03 -3.53
N ILE A 166 12.47 -35.19 -3.01
CA ILE A 166 12.23 -35.37 -1.56
C ILE A 166 13.03 -36.59 -1.07
N GLU A 167 12.97 -37.68 -1.82
CA GLU A 167 13.72 -38.91 -1.46
C GLU A 167 15.22 -38.67 -1.48
N GLY A 168 15.70 -38.01 -2.53
CA GLY A 168 17.14 -37.75 -2.65
C GLY A 168 17.67 -36.96 -1.48
N LEU A 169 16.84 -36.05 -0.95
CA LEU A 169 17.22 -35.19 0.16
C LEU A 169 17.07 -35.94 1.50
N GLY A 170 16.32 -37.03 1.49
CA GLY A 170 16.05 -37.84 2.67
C GLY A 170 15.25 -37.08 3.69
N VAL A 171 14.34 -36.22 3.20
CA VAL A 171 13.42 -35.48 4.04
C VAL A 171 12.20 -36.34 4.36
N ASP A 172 11.92 -36.49 5.65
CA ASP A 172 10.73 -37.22 6.09
C ASP A 172 9.57 -36.23 6.25
N GLY A 173 8.36 -36.75 6.33
CA GLY A 173 7.19 -35.92 6.61
C GLY A 173 6.72 -35.01 5.48
N VAL A 174 7.11 -35.30 4.25
CA VAL A 174 6.54 -34.63 3.10
C VAL A 174 6.04 -35.65 2.08
N ASN A 175 4.72 -35.74 1.93
CA ASN A 175 4.09 -36.56 0.91
C ASN A 175 3.65 -35.70 -0.26
N VAL A 176 3.65 -36.28 -1.44
CA VAL A 176 3.07 -35.59 -2.59
C VAL A 176 1.84 -36.33 -3.12
N ILE A 177 0.74 -35.60 -3.28
CA ILE A 177 -0.50 -36.08 -3.84
C ILE A 177 -0.72 -35.55 -5.26
N THR A 178 -0.88 -36.47 -6.22
CA THR A 178 -1.25 -36.06 -7.59
C THR A 178 -2.73 -35.74 -7.69
N GLY A 179 -3.03 -34.53 -8.13
CA GLY A 179 -4.41 -34.08 -8.10
C GLY A 179 -4.52 -32.56 -8.14
N ASP A 180 -5.76 -32.07 -8.17
CA ASP A 180 -6.00 -30.63 -7.98
C ASP A 180 -6.35 -30.31 -6.51
N GLU A 181 -6.69 -29.05 -6.22
CA GLU A 181 -6.97 -28.61 -4.84
C GLU A 181 -8.12 -29.40 -4.20
N THR A 182 -8.88 -30.11 -5.04
CA THR A 182 -10.04 -30.85 -4.60
C THR A 182 -9.69 -32.05 -3.69
N VAL A 183 -8.45 -32.51 -3.79
CA VAL A 183 -7.93 -33.54 -2.89
C VAL A 183 -8.01 -33.20 -1.38
N ILE A 184 -8.20 -31.92 -1.02
CA ILE A 184 -8.19 -31.52 0.40
C ILE A 184 -9.43 -31.90 1.22
N ASP A 185 -10.52 -32.18 0.52
CA ASP A 185 -11.80 -32.72 1.04
C ASP A 185 -11.56 -33.76 2.18
N GLY A 186 -10.72 -34.73 1.87
CA GLY A 186 -10.49 -35.85 2.79
C GLY A 186 -9.27 -35.74 3.66
N LEU A 187 -8.66 -34.53 3.75
CA LEU A 187 -7.46 -34.35 4.59
C LEU A 187 -7.81 -33.52 5.82
N GLU A 188 -7.12 -33.74 6.93
CA GLU A 188 -7.27 -32.90 8.15
C GLU A 188 -5.98 -32.10 8.16
N PHE A 189 -6.08 -30.77 8.31
CA PHE A 189 -4.86 -29.92 8.33
C PHE A 189 -5.06 -28.66 9.17
N ASP A 190 -3.97 -28.12 9.72
CA ASP A 190 -4.00 -26.88 10.53
C ASP A 190 -3.74 -25.64 9.71
N VAL A 191 -2.89 -25.78 8.68
CA VAL A 191 -2.69 -24.68 7.73
C VAL A 191 -2.68 -25.14 6.28
N LEU A 192 -3.27 -24.32 5.41
CA LEU A 192 -3.30 -24.56 3.96
C LEU A 192 -2.53 -23.43 3.32
N MET A 193 -1.65 -23.74 2.37
CA MET A 193 -0.93 -22.64 1.70
C MET A 193 -1.15 -22.80 0.22
N VAL A 194 -1.34 -21.66 -0.46
CA VAL A 194 -1.64 -21.68 -1.89
C VAL A 194 -0.45 -21.07 -2.63
N ALA A 195 0.24 -21.91 -3.42
CA ALA A 195 1.41 -21.47 -4.18
C ALA A 195 1.09 -20.20 -5.00
N ALA A 196 2.12 -19.37 -5.22
CA ALA A 196 1.97 -18.21 -6.12
C ALA A 196 1.52 -18.65 -7.51
N LEU A 197 1.98 -19.83 -7.92
CA LEU A 197 1.66 -20.41 -9.24
C LEU A 197 0.37 -21.25 -9.34
N ALA A 198 -0.31 -21.48 -8.22
CA ALA A 198 -1.54 -22.31 -8.24
C ALA A 198 -2.59 -21.57 -9.08
N GLU A 199 -3.04 -22.20 -10.18
CA GLU A 199 -3.99 -21.57 -11.08
C GLU A 199 -5.07 -22.59 -11.46
N PRO A 200 -6.26 -22.10 -11.85
CA PRO A 200 -6.68 -20.71 -11.90
C PRO A 200 -7.15 -20.24 -10.51
N LYS A 201 -6.74 -19.05 -10.07
CA LYS A 201 -7.06 -18.58 -8.70
C LYS A 201 -8.56 -18.65 -8.38
N ARG A 202 -9.43 -18.22 -9.31
CA ARG A 202 -10.85 -18.12 -8.95
C ARG A 202 -11.38 -19.52 -8.57
N ARG A 203 -11.13 -20.53 -9.41
CA ARG A 203 -11.54 -21.92 -9.13
C ARG A 203 -10.89 -22.52 -7.90
N VAL A 204 -9.58 -22.27 -7.75
CA VAL A 204 -8.85 -22.76 -6.60
C VAL A 204 -9.47 -22.27 -5.30
N PHE A 205 -9.69 -20.95 -5.21
CA PHE A 205 -10.33 -20.44 -3.97
C PHE A 205 -11.79 -20.90 -3.76
N ARG A 206 -12.57 -20.97 -4.83
CA ARG A 206 -13.93 -21.58 -4.80
C ARG A 206 -13.93 -22.96 -4.12
N ASN A 207 -13.07 -23.85 -4.62
CA ASN A 207 -12.95 -25.21 -4.09
C ASN A 207 -12.47 -25.22 -2.64
N ILE A 208 -11.43 -24.42 -2.35
CA ILE A 208 -10.96 -24.30 -0.97
C ILE A 208 -12.14 -23.94 -0.06
N HIS A 209 -12.95 -22.98 -0.49
CA HIS A 209 -14.06 -22.45 0.32
C HIS A 209 -15.03 -23.61 0.66
N ARG A 210 -15.26 -24.50 -0.31
CA ARG A 210 -16.11 -25.70 -0.15
C ARG A 210 -15.64 -26.63 0.95
N TYR A 211 -14.33 -26.74 1.12
CA TYR A 211 -13.74 -27.83 1.91
C TYR A 211 -13.03 -27.41 3.19
N VAL A 212 -12.98 -26.11 3.49
CA VAL A 212 -12.38 -25.68 4.77
C VAL A 212 -13.45 -25.17 5.74
N ASP A 213 -13.12 -25.09 7.02
CA ASP A 213 -14.01 -24.44 7.98
C ASP A 213 -13.48 -23.02 8.25
N THR A 214 -14.16 -22.28 9.13
CA THR A 214 -13.83 -20.87 9.41
C THR A 214 -12.64 -20.66 10.35
N GLU A 215 -12.11 -21.73 10.94
CA GLU A 215 -10.98 -21.61 11.87
C GLU A 215 -9.63 -21.99 11.20
N THR A 216 -9.67 -22.44 9.94
CA THR A 216 -8.44 -22.96 9.31
C THR A 216 -7.56 -21.79 8.79
N ARG A 217 -6.31 -21.71 9.21
CA ARG A 217 -5.39 -20.68 8.66
C ARG A 217 -5.06 -21.03 7.22
N ILE A 218 -5.33 -20.10 6.29
CA ILE A 218 -5.01 -20.24 4.87
C ILE A 218 -4.08 -19.07 4.50
N ILE A 219 -2.92 -19.39 3.93
CA ILE A 219 -1.99 -18.32 3.45
C ILE A 219 -1.84 -18.44 1.93
N TYR A 220 -2.07 -17.36 1.18
CA TYR A 220 -1.79 -17.39 -0.23
C TYR A 220 -0.71 -16.35 -0.56
N ARG A 221 0.00 -16.62 -1.64
CA ARG A 221 1.11 -15.78 -2.09
C ARG A 221 0.64 -15.00 -3.33
N THR A 222 0.99 -13.72 -3.34
CA THR A 222 0.57 -12.78 -4.35
C THR A 222 1.67 -11.75 -4.65
N TYR A 223 1.34 -10.68 -5.40
CA TYR A 223 2.35 -9.67 -5.79
C TYR A 223 1.66 -8.33 -5.60
N THR A 224 2.37 -7.39 -4.98
CA THR A 224 1.86 -6.04 -4.78
C THR A 224 2.89 -5.04 -5.22
N GLY A 225 2.48 -3.78 -5.39
CA GLY A 225 3.39 -2.77 -5.82
C GLY A 225 4.10 -3.09 -7.12
N MET A 226 5.35 -2.66 -7.23
CA MET A 226 6.09 -2.84 -8.49
C MET A 226 6.34 -4.35 -8.71
N ARG A 227 6.34 -5.14 -7.62
CA ARG A 227 6.55 -6.58 -7.76
C ARG A 227 5.45 -7.21 -8.60
N ALA A 228 4.32 -6.50 -8.78
CA ALA A 228 3.31 -6.90 -9.77
C ALA A 228 3.77 -7.00 -11.22
N ILE A 229 4.92 -6.41 -11.53
CA ILE A 229 5.51 -6.57 -12.88
C ILE A 229 5.89 -8.03 -13.16
N LEU A 230 6.07 -8.81 -12.09
CA LEU A 230 6.50 -10.20 -12.18
C LEU A 230 5.39 -11.21 -12.56
N TYR A 231 4.15 -10.91 -12.16
CA TYR A 231 3.07 -11.90 -12.19
C TYR A 231 1.78 -11.18 -11.81
N ALA A 232 0.65 -11.66 -12.35
CA ALA A 232 -0.66 -10.99 -12.04
C ALA A 232 -1.07 -11.21 -10.57
N PRO A 233 -1.39 -10.14 -9.84
CA PRO A 233 -1.87 -10.33 -8.45
C PRO A 233 -3.20 -11.07 -8.31
N VAL A 234 -3.37 -11.69 -7.15
CA VAL A 234 -4.64 -12.30 -6.77
C VAL A 234 -5.62 -11.13 -6.56
N SER A 235 -6.80 -11.18 -7.20
CA SER A 235 -7.79 -10.11 -7.03
C SER A 235 -8.69 -10.30 -5.80
N ASP A 236 -9.42 -9.24 -5.40
CA ASP A 236 -10.38 -9.42 -4.28
C ASP A 236 -11.51 -10.30 -4.73
N ASP A 237 -11.88 -10.23 -6.01
CA ASP A 237 -12.93 -11.11 -6.50
C ASP A 237 -12.54 -12.58 -6.33
N ASP A 238 -11.25 -12.87 -6.55
CA ASP A 238 -10.72 -14.24 -6.39
C ASP A 238 -10.98 -14.80 -5.01
N ILE A 239 -10.85 -13.94 -4.00
CA ILE A 239 -11.04 -14.36 -2.63
C ILE A 239 -12.43 -14.10 -2.04
N THR A 240 -13.44 -14.01 -2.91
CA THR A 240 -14.83 -13.88 -2.41
C THR A 240 -15.08 -14.99 -1.40
N GLY A 241 -15.69 -14.67 -0.26
CA GLY A 241 -15.98 -15.72 0.74
C GLY A 241 -14.94 -15.85 1.83
N PHE A 242 -13.82 -15.10 1.70
CA PHE A 242 -12.75 -15.08 2.69
C PHE A 242 -12.51 -13.63 3.17
N ARG A 243 -11.99 -13.50 4.38
CA ARG A 243 -11.50 -12.22 4.90
C ARG A 243 -10.00 -12.26 5.14
N ARG A 244 -9.33 -11.17 4.76
CA ARG A 244 -7.94 -11.02 5.10
C ARG A 244 -7.77 -10.75 6.58
N ALA A 245 -6.82 -11.43 7.19
CA ALA A 245 -6.52 -11.32 8.62
C ALA A 245 -5.02 -11.05 8.88
N GLY A 246 -4.28 -10.70 7.85
CA GLY A 246 -2.88 -10.36 8.08
C GLY A 246 -2.16 -10.37 6.75
N VAL A 247 -1.24 -9.43 6.55
CA VAL A 247 -0.52 -9.37 5.25
C VAL A 247 0.96 -9.17 5.58
N VAL A 248 1.86 -9.79 4.84
CA VAL A 248 3.29 -9.54 4.98
C VAL A 248 3.72 -8.99 3.63
N LEU A 249 4.10 -7.71 3.60
CA LEU A 249 4.67 -7.12 2.41
C LEU A 249 6.19 -7.37 2.38
N PRO A 250 6.74 -7.75 1.22
CA PRO A 250 8.16 -8.15 1.21
C PRO A 250 9.11 -6.96 1.19
N SER A 251 10.35 -7.22 1.59
CA SER A 251 11.42 -6.26 1.39
C SER A 251 12.61 -7.05 0.80
N GLY A 252 13.72 -6.35 0.56
CA GLY A 252 14.90 -7.00 0.00
C GLY A 252 14.61 -7.54 -1.38
N LYS A 253 14.98 -8.81 -1.60
CA LYS A 253 14.78 -9.41 -2.92
C LYS A 253 13.64 -10.42 -2.96
N VAL A 254 12.90 -10.52 -1.86
CA VAL A 254 11.76 -11.44 -1.80
C VAL A 254 10.65 -10.90 -2.71
N ASN A 255 10.09 -11.76 -3.55
CA ASN A 255 9.06 -11.28 -4.49
C ASN A 255 7.63 -11.29 -3.96
N ASN A 256 7.27 -12.29 -3.15
CA ASN A 256 5.86 -12.46 -2.83
C ASN A 256 5.40 -11.66 -1.65
N THR A 257 4.16 -11.17 -1.76
CA THR A 257 3.33 -10.77 -0.62
C THR A 257 2.58 -12.03 -0.10
N SER A 258 2.56 -12.23 1.20
CA SER A 258 1.88 -13.39 1.83
C SER A 258 0.65 -12.87 2.59
N VAL A 259 -0.50 -13.50 2.37
CA VAL A 259 -1.75 -13.00 2.95
C VAL A 259 -2.39 -14.14 3.73
N LEU A 260 -2.74 -13.86 4.98
CA LEU A 260 -3.48 -14.81 5.81
C LEU A 260 -4.96 -14.54 5.62
N VAL A 261 -5.75 -15.58 5.29
CA VAL A 261 -7.22 -15.40 5.21
C VAL A 261 -7.93 -16.51 6.01
N PHE A 262 -9.16 -16.24 6.41
CA PHE A 262 -10.06 -17.26 6.99
C PHE A 262 -11.36 -17.26 6.21
N LYS A 263 -11.98 -18.44 6.09
CA LYS A 263 -13.28 -18.50 5.42
C LYS A 263 -14.34 -17.72 6.23
N CYS A 264 -15.28 -17.07 5.53
CA CYS A 264 -16.36 -16.32 6.18
C CYS A 264 -17.51 -17.25 6.60
N PRO A 265 -18.07 -17.04 7.81
CA PRO A 265 -19.23 -17.79 8.38
C PRO A 265 -20.44 -17.79 7.46
N SER B 2 -17.44 -9.88 1.66
CA SER B 2 -16.58 -10.52 2.70
C SER B 2 -17.25 -10.52 4.08
N CYS B 3 -16.48 -10.53 5.15
CA CYS B 3 -17.04 -10.60 6.49
C CYS B 3 -16.19 -9.84 7.49
N TYR B 4 -15.71 -8.65 7.11
CA TYR B 4 -14.88 -7.87 8.04
C TYR B 4 -15.74 -7.30 9.14
N ILE B 5 -15.27 -7.44 10.38
CA ILE B 5 -15.99 -6.93 11.54
C ILE B 5 -16.19 -5.40 11.47
N TYR B 6 -15.27 -4.73 10.77
CA TYR B 6 -15.39 -3.28 10.56
C TYR B 6 -16.57 -2.84 9.73
N TRP B 7 -17.07 -3.72 8.85
CA TRP B 7 -18.21 -3.38 8.00
C TRP B 7 -19.40 -2.89 8.87
N ASP B 8 -19.79 -3.73 9.82
CA ASP B 8 -20.92 -3.44 10.72
C ASP B 8 -20.63 -2.26 11.65
N LYS B 9 -19.37 -2.12 12.09
CA LYS B 9 -18.99 -1.04 12.98
C LYS B 9 -19.16 0.28 12.26
N ILE B 10 -18.76 0.30 10.98
CA ILE B 10 -18.90 1.50 10.15
C ILE B 10 -20.38 1.86 9.90
N LYS B 11 -21.16 0.84 9.56
CA LYS B 11 -22.59 1.03 9.30
C LYS B 11 -23.30 1.55 10.56
N ARG B 12 -22.91 1.10 11.74
CA ARG B 12 -23.53 1.57 12.99
C ARG B 12 -23.19 3.03 13.27
N ILE B 13 -21.93 3.39 13.03
CA ILE B 13 -21.56 4.80 13.07
C ILE B 13 -22.38 5.62 12.08
N ALA B 14 -22.48 5.19 10.83
CA ALA B 14 -23.17 6.00 9.84
C ALA B 14 -24.68 6.15 10.20
N SER B 15 -25.24 5.08 10.78
CA SER B 15 -26.65 5.08 11.20
C SER B 15 -26.91 6.19 12.25
N ARG B 16 -25.95 6.35 13.15
CA ARG B 16 -26.05 7.41 14.17
C ARG B 16 -25.87 8.81 13.57
N LEU B 17 -24.95 8.91 12.62
CA LEU B 17 -24.75 10.20 11.91
C LEU B 17 -26.01 10.61 11.13
N GLU B 18 -26.55 9.68 10.36
CA GLU B 18 -27.75 9.96 9.57
C GLU B 18 -28.92 10.33 10.48
N GLY B 19 -29.05 9.55 11.56
CA GLY B 19 -30.17 9.69 12.50
C GLY B 19 -30.18 11.03 13.20
N MET B 20 -29.00 11.47 13.70
CA MET B 20 -28.90 12.77 14.41
C MET B 20 -28.94 13.94 13.43
N ASN B 21 -28.36 13.74 12.24
CA ASN B 21 -28.36 14.73 11.19
C ASN B 21 -27.80 16.04 11.73
N TYR B 22 -26.62 15.98 12.33
CA TYR B 22 -26.03 17.18 12.94
C TYR B 22 -25.85 18.26 11.88
N HIS B 23 -26.27 19.48 12.20
CA HIS B 23 -26.09 20.64 11.32
C HIS B 23 -24.82 21.40 11.74
N PHE B 24 -24.02 21.87 10.77
CA PHE B 24 -22.77 22.60 11.08
C PHE B 24 -23.01 23.65 12.17
N ASP B 25 -24.01 24.50 11.95
CA ASP B 25 -24.28 25.62 12.86
C ASP B 25 -24.73 25.15 14.25
N GLU B 26 -25.37 23.99 14.29
CA GLU B 26 -25.88 23.41 15.55
C GLU B 26 -24.91 22.48 16.30
N MET B 27 -24.04 21.75 15.59
CA MET B 27 -23.30 20.64 16.23
C MET B 27 -22.43 21.15 17.40
N ASP B 28 -22.58 20.48 18.54
CA ASP B 28 -21.79 20.78 19.73
C ASP B 28 -20.49 20.05 19.56
N THR B 29 -19.42 20.82 19.39
CA THR B 29 -18.17 20.25 19.00
C THR B 29 -17.67 19.28 20.12
N SER B 30 -17.72 19.71 21.37
CA SER B 30 -17.30 18.85 22.47
C SER B 30 -18.18 17.60 22.59
N GLY B 31 -19.49 17.75 22.40
CA GLY B 31 -20.42 16.63 22.48
C GLY B 31 -20.29 15.47 21.48
N VAL B 32 -19.71 15.74 20.31
CA VAL B 32 -19.53 14.72 19.27
C VAL B 32 -18.09 14.20 19.18
N MET B 33 -17.20 14.67 20.07
CA MET B 33 -15.84 14.12 20.11
C MET B 33 -15.79 12.58 20.28
N PRO B 34 -16.65 12.00 21.16
CA PRO B 34 -16.71 10.53 21.25
C PRO B 34 -16.90 9.83 19.89
N LEU B 35 -17.78 10.36 19.05
CA LEU B 35 -17.94 9.85 17.70
C LEU B 35 -16.67 9.97 16.86
N LEU B 36 -16.03 11.12 16.92
CA LEU B 36 -14.78 11.31 16.20
C LEU B 36 -13.76 10.23 16.60
N ASP B 37 -13.65 9.97 17.90
CA ASP B 37 -12.77 8.86 18.42
C ASP B 37 -13.10 7.49 17.87
N GLU B 38 -14.40 7.20 17.72
CA GLU B 38 -14.82 5.94 17.18
C GLU B 38 -14.43 5.78 15.72
N ILE B 39 -14.55 6.87 14.98
CA ILE B 39 -14.18 6.87 13.56
C ILE B 39 -12.65 6.72 13.43
N GLU B 40 -11.93 7.42 14.29
CA GLU B 40 -10.46 7.44 14.24
C GLU B 40 -9.91 6.09 14.68
N GLU B 41 -10.59 5.45 15.64
CA GLU B 41 -10.22 4.07 16.02
C GLU B 41 -10.17 3.11 14.81
N ILE B 42 -11.16 3.20 13.93
CA ILE B 42 -11.17 2.40 12.70
C ILE B 42 -10.11 2.91 11.66
N ALA B 43 -10.03 4.22 11.48
CA ALA B 43 -9.08 4.81 10.51
C ALA B 43 -7.64 4.43 10.84
N HIS B 44 -7.31 4.54 12.13
CA HIS B 44 -5.93 4.39 12.61
C HIS B 44 -5.53 2.94 12.94
N ASP B 45 -6.40 1.97 12.63
CA ASP B 45 -6.16 0.57 13.00
C ASP B 45 -5.10 -0.05 12.09
N SER B 46 -3.94 -0.39 12.67
CA SER B 46 -2.80 -0.90 11.88
C SER B 46 -2.90 -2.33 11.29
N THR B 47 -3.89 -3.11 11.75
CA THR B 47 -4.10 -4.47 11.28
C THR B 47 -4.89 -4.49 9.97
N ILE B 48 -5.38 -3.33 9.54
CA ILE B 48 -6.07 -3.34 8.26
C ILE B 48 -5.19 -2.95 7.08
N ASP B 49 -5.00 -3.93 6.20
CA ASP B 49 -4.15 -3.80 5.05
C ASP B 49 -4.85 -2.97 3.97
N PHE B 50 -4.07 -2.40 3.06
CA PHE B 50 -4.61 -1.49 2.05
C PHE B 50 -5.59 -2.17 1.08
N GLU B 51 -5.34 -3.44 0.75
CA GLU B 51 -6.26 -4.16 -0.13
C GLU B 51 -7.64 -4.24 0.51
N SER B 52 -7.69 -4.63 1.78
CA SER B 52 -8.95 -4.79 2.50
C SER B 52 -9.70 -3.45 2.68
N ALA B 53 -8.94 -2.40 2.98
CA ALA B 53 -9.52 -1.06 3.11
C ALA B 53 -10.17 -0.73 1.80
N LYS B 54 -9.46 -0.95 0.71
CA LYS B 54 -10.01 -0.62 -0.60
C LYS B 54 -11.26 -1.47 -0.88
N HIS B 55 -11.24 -2.75 -0.48
CA HIS B 55 -12.40 -3.67 -0.57
C HIS B 55 -13.64 -3.02 0.04
N ILE B 56 -13.51 -2.64 1.31
CA ILE B 56 -14.62 -2.08 2.07
C ILE B 56 -15.10 -0.75 1.50
N LEU B 57 -14.18 0.20 1.35
CA LEU B 57 -14.55 1.60 1.12
C LEU B 57 -14.99 1.83 -0.32
N ASP B 58 -14.59 0.95 -1.22
CA ASP B 58 -14.94 1.06 -2.63
C ASP B 58 -16.27 0.36 -2.97
N ASP B 59 -16.81 -0.40 -2.01
CA ASP B 59 -18.03 -1.20 -2.24
C ASP B 59 -19.25 -0.29 -2.44
N ALA B 60 -20.08 -0.61 -3.44
CA ALA B 60 -21.24 0.26 -3.72
C ALA B 60 -22.19 0.36 -2.51
N GLU B 61 -22.28 -0.71 -1.73
CA GLU B 61 -23.14 -0.74 -0.55
C GLU B 61 -22.60 0.13 0.60
N MET B 62 -21.32 0.52 0.52
CA MET B 62 -20.70 1.39 1.55
C MET B 62 -20.73 2.88 1.19
N ASN B 63 -21.12 3.19 -0.03
CA ASN B 63 -21.03 4.52 -0.54
C ASN B 63 -21.74 5.55 0.32
N HIS B 64 -23.00 5.25 0.69
CA HIS B 64 -23.80 6.17 1.50
C HIS B 64 -23.16 6.36 2.87
N ALA B 65 -22.71 5.28 3.49
CA ALA B 65 -22.16 5.35 4.87
C ALA B 65 -20.84 6.14 4.86
N LEU B 66 -20.03 5.83 3.85
CA LEU B 66 -18.74 6.54 3.67
C LEU B 66 -18.96 8.05 3.53
N SER B 67 -19.93 8.44 2.69
CA SER B 67 -20.26 9.83 2.48
C SER B 67 -20.69 10.53 3.80
N LEU B 68 -21.41 9.82 4.68
CA LEU B 68 -21.86 10.41 5.96
C LEU B 68 -20.67 10.66 6.89
N ILE B 69 -19.80 9.67 6.97
CA ILE B 69 -18.62 9.76 7.83
C ILE B 69 -17.67 10.92 7.36
N ARG B 70 -17.42 10.97 6.05
CA ARG B 70 -16.58 12.03 5.48
C ARG B 70 -17.18 13.42 5.73
N LYS B 71 -18.49 13.55 5.53
CA LYS B 71 -19.15 14.84 5.79
C LYS B 71 -19.00 15.23 7.27
N PHE B 72 -19.25 14.31 8.18
CA PHE B 72 -19.17 14.60 9.61
C PHE B 72 -17.74 15.02 9.95
N TYR B 73 -16.77 14.28 9.41
CA TYR B 73 -15.35 14.52 9.75
C TYR B 73 -14.89 15.91 9.30
N VAL B 74 -15.19 16.24 8.03
CA VAL B 74 -14.93 17.57 7.47
C VAL B 74 -15.64 18.71 8.22
N ASN B 75 -16.94 18.55 8.49
CA ASN B 75 -17.69 19.57 9.25
C ASN B 75 -17.13 19.78 10.64
N LEU B 76 -16.82 18.68 11.31
CA LEU B 76 -16.32 18.77 12.67
C LEU B 76 -14.93 19.41 12.67
N GLY B 77 -14.08 18.99 11.74
CA GLY B 77 -12.74 19.59 11.60
C GLY B 77 -12.83 21.10 11.36
N MET B 78 -13.71 21.51 10.45
CA MET B 78 -13.83 22.94 10.12
C MET B 78 -14.30 23.72 11.37
N LYS B 79 -15.27 23.16 12.10
CA LYS B 79 -15.86 23.83 13.26
C LYS B 79 -14.79 24.00 14.35
N LEU B 80 -14.02 22.94 14.57
CA LEU B 80 -12.89 22.98 15.53
C LEU B 80 -11.89 24.07 15.15
N GLN B 81 -11.57 24.20 13.86
CA GLN B 81 -10.67 25.28 13.37
C GLN B 81 -11.26 26.65 13.65
N MET B 82 -12.52 26.86 13.29
CA MET B 82 -13.16 28.18 13.51
C MET B 82 -13.13 28.54 14.98
N GLU B 83 -13.52 27.60 15.84
CA GLU B 83 -13.55 27.80 17.31
C GLU B 83 -12.17 28.14 17.83
N LYS B 84 -11.17 27.39 17.36
CA LYS B 84 -9.80 27.60 17.88
C LYS B 84 -9.26 28.94 17.45
N ALA B 85 -9.48 29.27 16.17
CA ALA B 85 -9.09 30.58 15.58
C ALA B 85 -9.61 31.74 16.44
N GLN B 86 -10.91 31.72 16.71
CA GLN B 86 -11.48 32.77 17.58
C GLN B 86 -10.93 32.78 19.03
N GLU B 87 -10.72 31.60 19.59
CA GLU B 87 -10.15 31.46 20.92
C GLU B 87 -8.73 32.06 20.96
N VAL B 88 -7.93 31.77 19.93
CA VAL B 88 -6.55 32.30 19.90
C VAL B 88 -6.59 33.83 19.87
N ILE B 89 -7.47 34.38 19.05
CA ILE B 89 -7.59 35.84 18.89
C ILE B 89 -7.90 36.53 20.23
N GLU B 90 -8.73 35.88 21.03
CA GLU B 90 -9.21 36.43 22.30
C GLU B 90 -8.39 36.05 23.53
N SER B 91 -7.39 35.20 23.36
CA SER B 91 -6.71 34.59 24.51
C SER B 91 -5.70 35.52 25.21
N ASP B 92 -5.59 35.39 26.54
CA ASP B 92 -4.49 36.07 27.26
C ASP B 92 -3.17 35.34 27.03
N SER B 93 -3.24 34.11 26.48
CA SER B 93 -2.06 33.30 26.22
C SER B 93 -2.18 32.63 24.83
N PRO B 94 -2.03 33.40 23.72
CA PRO B 94 -2.40 32.84 22.38
C PRO B 94 -1.63 31.55 22.01
N TRP B 95 -0.33 31.49 22.34
CA TRP B 95 0.44 30.26 22.00
C TRP B 95 -0.05 29.04 22.78
N GLU B 96 -0.32 29.24 24.08
CA GLU B 96 -0.82 28.16 24.91
C GLU B 96 -2.16 27.65 24.37
N THR B 97 -3.01 28.59 24.03
CA THR B 97 -4.31 28.31 23.40
C THR B 97 -4.15 27.53 22.09
N LEU B 98 -3.25 27.99 21.22
CA LEU B 98 -2.93 27.24 19.97
C LEU B 98 -2.51 25.80 20.24
N ARG B 99 -1.59 25.61 21.19
CA ARG B 99 -1.08 24.29 21.51
C ARG B 99 -2.10 23.30 22.06
N SER B 100 -3.20 23.79 22.61
CA SER B 100 -4.23 22.91 23.14
C SER B 100 -5.25 22.52 22.04
N PHE B 101 -5.09 23.02 20.81
CA PHE B 101 -5.91 22.54 19.67
C PHE B 101 -5.84 21.02 19.57
N TYR B 102 -6.99 20.39 19.35
CA TYR B 102 -7.08 18.94 19.40
C TYR B 102 -6.01 18.19 18.54
N PHE B 103 -5.78 18.70 17.34
CA PHE B 103 -4.86 18.07 16.37
C PHE B 103 -3.41 18.57 16.47
N TYR B 104 -3.14 19.49 17.37
CA TYR B 104 -1.77 20.11 17.41
C TYR B 104 -0.63 19.05 17.48
N PRO B 105 -0.71 18.06 18.41
CA PRO B 105 0.41 17.07 18.44
C PRO B 105 0.61 16.28 17.14
N ARG B 106 -0.48 15.94 16.45
CA ARG B 106 -0.35 15.20 15.22
C ARG B 106 0.28 16.03 14.14
N TYR B 107 -0.07 17.32 14.07
CA TYR B 107 0.58 18.27 13.14
C TYR B 107 2.10 18.39 13.36
N LEU B 108 2.58 18.40 14.61
CA LEU B 108 4.05 18.36 14.81
C LEU B 108 4.66 17.13 14.18
N GLU B 109 4.05 15.95 14.40
CA GLU B 109 4.56 14.71 13.85
C GLU B 109 4.55 14.73 12.31
N LEU B 110 3.41 15.14 11.75
CA LEU B 110 3.25 15.25 10.29
C LEU B 110 4.32 16.17 9.68
N LEU B 111 4.41 17.38 10.23
CA LEU B 111 5.31 18.38 9.67
C LEU B 111 6.77 17.91 9.81
N LYS B 112 7.12 17.21 10.88
CA LYS B 112 8.50 16.68 10.97
C LYS B 112 8.82 15.73 9.83
N ASN B 113 7.90 14.81 9.55
CA ASN B 113 8.07 13.92 8.40
C ASN B 113 8.10 14.64 7.06
N GLU B 114 7.26 15.68 6.92
CA GLU B 114 7.23 16.46 5.68
C GLU B 114 8.53 17.24 5.49
N ALA B 115 9.04 17.79 6.58
CA ALA B 115 10.28 18.59 6.51
C ALA B 115 11.45 17.71 6.01
N ALA B 116 11.46 16.44 6.41
CA ALA B 116 12.51 15.51 5.98
C ALA B 116 12.27 15.13 4.54
N LEU B 117 11.00 14.82 4.23
CA LEU B 117 10.62 14.49 2.85
C LEU B 117 10.97 15.62 1.87
N GLY B 118 10.66 16.85 2.27
CA GLY B 118 10.87 18.03 1.41
C GLY B 118 12.21 18.73 1.59
N ARG B 119 13.08 18.16 2.44
CA ARG B 119 14.39 18.76 2.77
C ARG B 119 14.27 20.25 3.08
N PHE B 120 13.35 20.63 3.98
CA PHE B 120 13.17 22.05 4.33
C PHE B 120 14.44 22.58 4.94
N ARG B 121 14.81 23.78 4.54
CA ARG B 121 15.93 24.53 5.15
C ARG B 121 15.45 25.87 5.70
N ARG B 122 16.04 26.32 6.81
CA ARG B 122 15.69 27.68 7.28
C ARG B 122 15.90 28.77 6.24
N GLY B 123 14.98 29.73 6.21
CA GLY B 123 15.00 30.81 5.22
C GLY B 123 14.36 30.48 3.90
N GLU B 124 13.98 29.22 3.68
CA GLU B 124 13.42 28.92 2.37
C GLU B 124 12.01 29.52 2.33
N ARG B 125 11.51 29.75 1.14
CA ARG B 125 10.18 30.37 0.96
C ARG B 125 9.18 29.25 0.67
N ALA B 126 8.14 29.21 1.48
CA ALA B 126 7.08 28.22 1.31
C ALA B 126 5.74 28.90 1.01
N VAL B 127 4.98 28.25 0.14
CA VAL B 127 3.60 28.63 -0.08
C VAL B 127 2.70 27.44 0.38
N PHE B 128 1.63 27.76 1.11
CA PHE B 128 0.69 26.73 1.57
C PHE B 128 -0.69 27.05 1.00
N ILE B 129 -1.19 26.17 0.13
CA ILE B 129 -2.47 26.39 -0.53
C ILE B 129 -3.61 25.82 0.31
N GLY B 130 -4.50 26.70 0.79
CA GLY B 130 -5.73 26.30 1.50
C GLY B 130 -5.60 26.45 3.02
N GLY B 131 -5.24 27.65 3.49
CA GLY B 131 -4.94 27.88 4.91
C GLY B 131 -6.09 27.59 5.87
N GLY B 132 -7.31 27.96 5.49
CA GLY B 132 -8.46 27.88 6.40
C GLY B 132 -8.39 28.92 7.53
N PRO B 133 -9.33 28.83 8.48
CA PRO B 133 -9.35 29.83 9.56
C PRO B 133 -8.14 29.74 10.49
N LEU B 134 -7.62 28.52 10.71
CA LEU B 134 -6.47 28.35 11.56
C LEU B 134 -5.34 27.81 10.69
N PRO B 135 -4.42 28.70 10.26
CA PRO B 135 -3.41 28.26 9.29
C PRO B 135 -2.23 27.60 10.07
N LEU B 136 -2.53 26.48 10.74
CA LEU B 136 -1.58 25.86 11.65
C LEU B 136 -0.29 25.40 10.96
N THR B 137 -0.41 24.79 9.79
CA THR B 137 0.82 24.37 9.07
C THR B 137 1.66 25.57 8.75
N GLY B 138 1.01 26.64 8.27
CA GLY B 138 1.66 27.92 7.93
C GLY B 138 2.44 28.45 9.11
N ILE B 139 1.76 28.46 10.27
CA ILE B 139 2.37 28.87 11.53
C ILE B 139 3.62 28.06 11.88
N LEU B 140 3.49 26.73 11.84
CA LEU B 140 4.59 25.83 12.21
C LEU B 140 5.75 25.93 11.21
N LEU B 141 5.44 26.15 9.93
CA LEU B 141 6.51 26.26 8.93
C LEU B 141 7.47 27.41 9.28
N SER B 142 6.90 28.50 9.80
CA SER B 142 7.78 29.59 10.31
C SER B 142 8.33 29.28 11.73
N HIS B 143 7.42 28.97 12.65
CA HIS B 143 7.82 28.90 14.08
C HIS B 143 8.78 27.75 14.43
N VAL B 144 8.64 26.60 13.75
CA VAL B 144 9.49 25.44 13.94
C VAL B 144 10.59 25.39 12.86
N TYR B 145 10.22 25.59 11.59
CA TYR B 145 11.18 25.37 10.46
C TYR B 145 11.90 26.62 9.91
N GLY B 146 11.55 27.79 10.44
CA GLY B 146 12.17 29.04 10.01
C GLY B 146 11.96 29.42 8.55
N MET B 147 10.87 28.93 7.94
CA MET B 147 10.58 29.31 6.58
C MET B 147 9.79 30.60 6.50
N ARG B 148 9.89 31.27 5.34
CA ARG B 148 9.15 32.48 5.05
C ARG B 148 7.91 32.04 4.31
N VAL B 149 6.75 32.33 4.90
CA VAL B 149 5.50 31.67 4.46
C VAL B 149 4.41 32.57 3.89
N ASN B 150 3.93 32.22 2.70
CA ASN B 150 2.73 32.80 2.15
C ASN B 150 1.59 31.77 2.16
N VAL B 151 0.53 32.04 2.91
CA VAL B 151 -0.62 31.13 2.99
C VAL B 151 -1.70 31.64 2.05
N VAL B 152 -2.27 30.74 1.25
CA VAL B 152 -3.32 31.13 0.32
C VAL B 152 -4.68 30.67 0.82
N GLU B 153 -5.66 31.58 0.87
CA GLU B 153 -7.01 31.20 1.33
C GLU B 153 -8.08 31.85 0.47
N ILE B 154 -9.00 31.04 -0.04
CA ILE B 154 -9.98 31.50 -1.05
C ILE B 154 -11.11 32.40 -0.50
N GLU B 155 -11.55 32.15 0.73
CA GLU B 155 -12.70 32.89 1.29
C GLU B 155 -12.20 34.18 1.98
N PRO B 156 -12.63 35.37 1.49
CA PRO B 156 -12.13 36.59 2.10
C PRO B 156 -12.28 36.68 3.62
N ASP B 157 -13.43 36.28 4.19
CA ASP B 157 -13.64 36.38 5.66
C ASP B 157 -12.80 35.38 6.44
N ILE B 158 -12.58 34.21 5.82
CA ILE B 158 -11.70 33.21 6.40
C ILE B 158 -10.24 33.68 6.33
N ALA B 159 -9.81 34.21 5.18
CA ALA B 159 -8.44 34.75 5.07
C ALA B 159 -8.23 35.85 6.14
N GLU B 160 -9.20 36.76 6.31
CA GLU B 160 -9.05 37.82 7.32
C GLU B 160 -8.98 37.30 8.75
N LEU B 161 -9.78 36.29 9.09
CA LEU B 161 -9.71 35.67 10.42
C LEU B 161 -8.29 35.09 10.65
N SER B 162 -7.77 34.38 9.66
CA SER B 162 -6.44 33.79 9.80
C SER B 162 -5.34 34.88 9.96
N ARG B 163 -5.51 36.06 9.35
CA ARG B 163 -4.56 37.17 9.54
C ARG B 163 -4.56 37.56 11.02
N LYS B 164 -5.78 37.62 11.60
CA LYS B 164 -5.92 37.99 13.00
C LYS B 164 -5.30 36.98 13.95
N VAL B 165 -5.40 35.69 13.61
CA VAL B 165 -4.75 34.63 14.35
C VAL B 165 -3.23 34.85 14.36
N ILE B 166 -2.70 35.07 13.16
CA ILE B 166 -1.25 35.21 12.96
C ILE B 166 -0.75 36.47 13.72
N GLU B 167 -1.47 37.57 13.59
CA GLU B 167 -1.14 38.82 14.29
C GLU B 167 -1.23 38.66 15.83
N GLY B 168 -2.23 37.91 16.30
CA GLY B 168 -2.40 37.60 17.74
C GLY B 168 -1.25 36.76 18.32
N LEU B 169 -0.69 35.88 17.49
CA LEU B 169 0.45 35.09 17.87
C LEU B 169 1.77 35.87 17.73
N GLY B 170 1.87 36.79 16.79
CA GLY B 170 3.18 37.39 16.47
C GLY B 170 4.21 36.40 15.95
N VAL B 171 3.76 35.43 15.15
CA VAL B 171 4.64 34.53 14.46
C VAL B 171 5.32 35.37 13.42
N ASP B 172 6.59 35.07 13.17
CA ASP B 172 7.42 35.85 12.27
C ASP B 172 7.25 35.40 10.81
N GLY B 173 6.86 36.29 9.90
CA GLY B 173 7.04 36.03 8.45
C GLY B 173 6.00 35.10 7.80
N VAL B 174 4.76 35.21 8.25
CA VAL B 174 3.65 34.43 7.70
C VAL B 174 2.60 35.39 7.22
N ASN B 175 2.46 35.49 5.90
CA ASN B 175 1.44 36.33 5.28
C ASN B 175 0.32 35.50 4.63
N VAL B 176 -0.86 36.09 4.54
CA VAL B 176 -2.03 35.46 3.92
C VAL B 176 -2.45 36.21 2.67
N ILE B 177 -2.55 35.48 1.58
CA ILE B 177 -3.10 36.02 0.36
C ILE B 177 -4.48 35.46 0.06
N THR B 178 -5.44 36.37 -0.14
CA THR B 178 -6.79 35.96 -0.50
C THR B 178 -6.90 35.59 -1.98
N GLY B 179 -7.31 34.36 -2.23
CA GLY B 179 -7.59 33.93 -3.61
C GLY B 179 -7.50 32.43 -3.80
N ASP B 180 -7.64 31.99 -5.05
CA ASP B 180 -7.45 30.55 -5.29
C ASP B 180 -5.99 30.29 -5.59
N GLU B 181 -5.68 29.04 -5.96
CA GLU B 181 -4.29 28.63 -6.19
C GLU B 181 -3.62 29.39 -7.34
N THR B 182 -4.41 30.05 -8.16
CA THR B 182 -3.92 30.84 -9.26
C THR B 182 -3.07 32.07 -8.80
N VAL B 183 -3.19 32.45 -7.52
CA VAL B 183 -2.37 33.56 -7.01
C VAL B 183 -0.88 33.22 -6.94
N ILE B 184 -0.53 31.93 -7.00
CA ILE B 184 0.88 31.53 -7.01
C ILE B 184 1.69 32.07 -8.19
N ASP B 185 1.01 32.48 -9.26
CA ASP B 185 1.69 33.10 -10.40
C ASP B 185 2.43 34.39 -9.96
N GLY B 186 1.88 35.08 -8.95
CA GLY B 186 2.49 36.28 -8.37
C GLY B 186 3.42 36.09 -7.18
N LEU B 187 3.77 34.82 -6.91
CA LEU B 187 4.62 34.48 -5.79
C LEU B 187 5.92 33.80 -6.27
N GLU B 188 6.95 33.90 -5.48
CA GLU B 188 8.20 33.20 -5.76
C GLU B 188 8.50 32.32 -4.55
N PHE B 189 8.78 31.05 -4.77
CA PHE B 189 8.86 30.09 -3.65
C PHE B 189 9.75 28.89 -3.99
N ASP B 190 10.24 28.25 -2.96
CA ASP B 190 11.09 27.05 -3.04
C ASP B 190 10.27 25.77 -2.83
N VAL B 191 9.23 25.86 -1.98
CA VAL B 191 8.42 24.67 -1.63
C VAL B 191 6.95 25.08 -1.74
N LEU B 192 6.12 24.22 -2.31
CA LEU B 192 4.71 24.48 -2.34
C LEU B 192 4.00 23.32 -1.63
N MET B 193 3.07 23.61 -0.71
CA MET B 193 2.31 22.54 -0.06
C MET B 193 0.84 22.68 -0.33
N VAL B 194 0.18 21.53 -0.58
CA VAL B 194 -1.23 21.55 -0.93
C VAL B 194 -2.03 20.92 0.20
N ALA B 195 -2.91 21.72 0.81
CA ALA B 195 -3.65 21.30 1.96
C ALA B 195 -4.51 20.07 1.58
N ALA B 196 -4.78 19.23 2.59
CA ALA B 196 -5.65 18.07 2.41
C ALA B 196 -7.04 18.51 1.86
N LEU B 197 -7.47 19.69 2.28
CA LEU B 197 -8.76 20.32 1.89
C LEU B 197 -8.78 21.20 0.63
N ALA B 198 -7.63 21.40 -0.02
CA ALA B 198 -7.56 22.24 -1.21
C ALA B 198 -8.31 21.53 -2.33
N GLU B 199 -9.37 22.15 -2.85
CA GLU B 199 -10.23 21.48 -3.80
C GLU B 199 -10.67 22.48 -4.90
N PRO B 200 -11.06 21.98 -6.07
CA PRO B 200 -11.14 20.57 -6.49
C PRO B 200 -9.75 20.11 -6.95
N LYS B 201 -9.29 18.96 -6.45
CA LYS B 201 -7.88 18.55 -6.66
C LYS B 201 -7.40 18.67 -8.12
N ARG B 202 -8.18 18.17 -9.08
CA ARG B 202 -7.65 18.12 -10.46
C ARG B 202 -7.34 19.53 -11.00
N ARG B 203 -8.27 20.47 -10.77
CA ARG B 203 -8.10 21.90 -11.17
C ARG B 203 -6.89 22.50 -10.43
N VAL B 204 -6.79 22.22 -9.13
CA VAL B 204 -5.69 22.71 -8.32
C VAL B 204 -4.33 22.29 -8.94
N PHE B 205 -4.18 21.02 -9.26
CA PHE B 205 -2.90 20.55 -9.78
C PHE B 205 -2.67 21.08 -11.20
N ARG B 206 -3.74 21.25 -12.00
CA ARG B 206 -3.63 21.84 -13.35
C ARG B 206 -3.04 23.26 -13.28
N ASN B 207 -3.52 24.03 -12.31
CA ASN B 207 -3.03 25.39 -12.10
C ASN B 207 -1.60 25.41 -11.56
N ILE B 208 -1.35 24.55 -10.58
CA ILE B 208 0.01 24.43 -10.07
C ILE B 208 0.93 24.15 -11.26
N HIS B 209 0.60 23.16 -12.08
CA HIS B 209 1.40 22.79 -13.25
C HIS B 209 1.69 24.00 -14.14
N ARG B 210 0.68 24.83 -14.38
CA ARG B 210 0.85 26.03 -15.20
C ARG B 210 1.92 27.00 -14.65
N TYR B 211 2.00 27.11 -13.33
CA TYR B 211 2.79 28.18 -12.77
C TYR B 211 4.14 27.76 -12.18
N VAL B 212 4.38 26.47 -11.98
CA VAL B 212 5.67 26.04 -11.36
C VAL B 212 6.67 25.53 -12.39
N ASP B 213 7.93 25.39 -11.99
CA ASP B 213 8.91 24.72 -12.88
C ASP B 213 9.21 23.30 -12.40
N THR B 214 10.13 22.60 -13.07
CA THR B 214 10.38 21.19 -12.75
C THR B 214 11.26 20.99 -11.49
N GLU B 215 11.81 22.07 -10.93
CA GLU B 215 12.67 21.99 -9.77
C GLU B 215 11.95 22.27 -8.44
N THR B 216 10.74 22.79 -8.53
CA THR B 216 9.99 23.19 -7.34
C THR B 216 9.53 21.95 -6.57
N ARG B 217 9.84 21.88 -5.29
CA ARG B 217 9.39 20.77 -4.43
C ARG B 217 7.94 21.02 -4.07
N ILE B 218 7.10 20.04 -4.40
CA ILE B 218 5.67 20.21 -4.10
C ILE B 218 5.26 19.08 -3.19
N ILE B 219 4.66 19.39 -2.05
CA ILE B 219 4.18 18.31 -1.17
C ILE B 219 2.63 18.37 -1.09
N TYR B 220 1.94 17.24 -1.29
CA TYR B 220 0.49 17.25 -1.09
C TYR B 220 0.10 16.22 -0.04
N ARG B 221 -1.05 16.45 0.55
CA ARG B 221 -1.56 15.58 1.60
C ARG B 221 -2.77 14.81 1.08
N THR B 222 -2.80 13.51 1.38
CA THR B 222 -3.83 12.62 0.89
C THR B 222 -4.13 11.61 2.01
N TYR B 223 -4.89 10.57 1.67
CA TYR B 223 -5.37 9.56 2.60
C TYR B 223 -5.17 8.21 1.91
N THR B 224 -4.59 7.27 2.63
CA THR B 224 -4.36 5.92 2.09
C THR B 224 -4.90 4.88 3.04
N GLY B 225 -5.12 3.66 2.54
CA GLY B 225 -5.57 2.63 3.48
C GLY B 225 -6.89 2.99 4.12
N MET B 226 -7.08 2.59 5.38
CA MET B 226 -8.40 2.75 6.01
C MET B 226 -8.59 4.23 6.37
N ARG B 227 -7.50 5.00 6.39
CA ARG B 227 -7.63 6.45 6.66
C ARG B 227 -8.44 7.16 5.57
N ALA B 228 -8.58 6.51 4.41
CA ALA B 228 -9.46 7.01 3.37
C ALA B 228 -10.94 7.06 3.80
N ILE B 229 -11.26 6.49 4.96
CA ILE B 229 -12.63 6.66 5.48
C ILE B 229 -12.87 8.16 5.84
N LEU B 230 -11.78 8.90 6.04
CA LEU B 230 -11.87 10.27 6.54
C LEU B 230 -12.16 11.27 5.43
N TYR B 231 -11.68 10.98 4.22
CA TYR B 231 -11.69 11.93 3.11
C TYR B 231 -11.29 11.19 1.82
N ALA B 232 -11.79 11.66 0.68
CA ALA B 232 -11.44 11.04 -0.61
C ALA B 232 -9.93 11.23 -0.92
N PRO B 233 -9.23 10.14 -1.24
CA PRO B 233 -7.81 10.28 -1.65
C PRO B 233 -7.59 11.10 -2.93
N VAL B 234 -6.41 11.70 -3.07
CA VAL B 234 -5.96 12.30 -4.30
C VAL B 234 -5.73 11.16 -5.28
N SER B 235 -6.26 11.28 -6.49
CA SER B 235 -6.08 10.22 -7.45
C SER B 235 -4.85 10.41 -8.33
N ASP B 236 -4.48 9.35 -9.02
CA ASP B 236 -3.35 9.43 -9.92
C ASP B 236 -3.70 10.38 -11.07
N ASP B 237 -4.96 10.36 -11.49
CA ASP B 237 -5.38 11.24 -12.55
C ASP B 237 -5.35 12.69 -12.09
N ASP B 238 -5.60 12.92 -10.80
CA ASP B 238 -5.51 14.28 -10.24
C ASP B 238 -4.13 14.87 -10.45
N ILE B 239 -3.08 14.05 -10.37
CA ILE B 239 -1.71 14.56 -10.50
C ILE B 239 -1.13 14.36 -11.90
N THR B 240 -1.97 14.35 -12.95
CA THR B 240 -1.36 14.23 -14.29
C THR B 240 -0.40 15.39 -14.55
N GLY B 241 0.77 15.08 -15.09
CA GLY B 241 1.75 16.13 -15.35
C GLY B 241 2.80 16.22 -14.27
N PHE B 242 2.68 15.34 -13.25
CA PHE B 242 3.60 15.31 -12.10
C PHE B 242 4.11 13.86 -11.86
N ARG B 243 5.30 13.73 -11.30
CA ARG B 243 5.79 12.41 -10.86
C ARG B 243 5.97 12.37 -9.34
N ARG B 244 5.52 11.31 -8.70
CA ARG B 244 5.85 11.08 -7.31
C ARG B 244 7.33 10.80 -7.12
N ALA B 245 7.88 11.40 -6.08
CA ALA B 245 9.29 11.30 -5.73
C ALA B 245 9.53 11.00 -4.26
N GLY B 246 8.52 10.53 -3.54
CA GLY B 246 8.69 10.19 -2.15
C GLY B 246 7.33 10.23 -1.50
N VAL B 247 7.09 9.28 -0.61
CA VAL B 247 5.80 9.22 0.12
C VAL B 247 6.12 8.98 1.59
N VAL B 248 5.37 9.63 2.46
CA VAL B 248 5.41 9.24 3.86
C VAL B 248 4.04 8.67 4.24
N LEU B 249 3.98 7.37 4.57
CA LEU B 249 2.74 6.79 5.15
C LEU B 249 2.68 7.03 6.67
N PRO B 250 1.49 7.46 7.19
CA PRO B 250 1.42 7.84 8.57
C PRO B 250 1.32 6.64 9.52
N SER B 251 1.60 6.89 10.78
CA SER B 251 1.37 5.92 11.82
C SER B 251 0.80 6.69 13.01
N GLY B 252 0.49 5.97 14.09
CA GLY B 252 -0.08 6.60 15.27
C GLY B 252 -1.42 7.26 14.89
N LYS B 253 -1.61 8.48 15.34
CA LYS B 253 -2.88 9.19 15.08
C LYS B 253 -2.88 10.22 13.92
N VAL B 254 -1.74 10.32 13.24
CA VAL B 254 -1.63 11.15 12.03
C VAL B 254 -2.56 10.59 10.96
N ASN B 255 -3.36 11.49 10.34
CA ASN B 255 -4.30 11.04 9.31
C ASN B 255 -3.73 11.02 7.94
N ASN B 256 -2.88 12.02 7.61
CA ASN B 256 -2.46 12.18 6.22
C ASN B 256 -1.25 11.38 5.81
N THR B 257 -1.31 10.95 4.55
CA THR B 257 -0.16 10.51 3.77
C THR B 257 0.37 11.78 3.10
N SER B 258 1.69 11.95 3.14
CA SER B 258 2.34 13.13 2.46
C SER B 258 3.17 12.64 1.27
N VAL B 259 3.03 13.33 0.15
CA VAL B 259 3.60 12.92 -1.09
C VAL B 259 4.40 14.08 -1.69
N LEU B 260 5.65 13.80 -2.05
CA LEU B 260 6.46 14.80 -2.75
C LEU B 260 6.33 14.54 -4.24
N VAL B 261 6.02 15.57 -5.00
CA VAL B 261 6.00 15.47 -6.48
C VAL B 261 6.82 16.58 -7.12
N PHE B 262 7.25 16.32 -8.35
CA PHE B 262 7.83 17.34 -9.23
C PHE B 262 7.08 17.39 -10.52
N LYS B 263 6.99 18.58 -11.09
CA LYS B 263 6.35 18.75 -12.39
C LYS B 263 7.21 18.00 -13.46
N CYS B 264 6.53 17.28 -14.37
CA CYS B 264 7.20 16.66 -15.52
C CYS B 264 7.58 17.69 -16.58
N PRO B 265 8.72 17.47 -17.27
CA PRO B 265 9.15 18.28 -18.42
C PRO B 265 8.15 18.32 -19.58
#